data_9EDQ
#
_entry.id   9EDQ
#
_cell.length_a   67.490
_cell.length_b   67.490
_cell.length_c   238.760
_cell.angle_alpha   90.00
_cell.angle_beta   90.00
_cell.angle_gamma   120.00
#
_symmetry.space_group_name_H-M   'P 32 2 1'
#
loop_
_entity.id
_entity.type
_entity.pdbx_description
1 polymer VP1
2 non-polymer 'SULFATE ION'
3 water water
#
_entity_poly.entity_id   1
_entity_poly.type   'polypeptide(L)'
_entity_poly.pdbx_seq_one_letter_code
;EPFSLPNLQTDEMSSSRWPNPLATLFADPNVAVAPQWQNGRCTLEGELLGTTPRNASWLNRFRGVSTAAVANQVLHLTLY
EPDGSVFNPLSGAPAPEGFPDFTAQEYHLRAAGKVANTTGGGEIKSTDYTPALGGVKITAWDATGPSAGVEMTGQIESIG
MENNTDFDVLPDYNGSAFDGSLNLAPPIVPLLPGETLLRFGTVPITTRRQSDPIRIISCALPQEWITWFLTHNFTALGDA
ALLRYRNQATGQLLFECKLYRSGFVVVNGVNVRTEFPMSGVFEFVSWVPNFFQLAPV
;
_entity_poly.pdbx_strand_id   A,B
#
# COMPACT_ATOMS: atom_id res chain seq x y z
N GLU A 1 -20.00 -15.28 -12.05
CA GLU A 1 -20.52 -14.93 -10.72
C GLU A 1 -21.24 -13.59 -10.74
N PRO A 2 -22.32 -13.47 -9.96
CA PRO A 2 -23.09 -12.23 -9.94
C PRO A 2 -22.26 -11.07 -9.38
N PHE A 3 -22.51 -9.88 -9.90
CA PHE A 3 -21.72 -8.72 -9.55
C PHE A 3 -21.86 -8.38 -8.07
N SER A 4 -20.76 -7.96 -7.46
CA SER A 4 -20.74 -7.52 -6.08
C SER A 4 -19.58 -6.56 -5.88
N LEU A 5 -19.60 -5.88 -4.74
CA LEU A 5 -18.50 -5.06 -4.27
C LEU A 5 -18.09 -5.55 -2.88
N PRO A 6 -16.83 -5.37 -2.49
CA PRO A 6 -16.40 -5.87 -1.16
C PRO A 6 -17.09 -5.13 -0.03
N ASN A 7 -17.38 -5.88 1.05
CA ASN A 7 -18.10 -5.35 2.20
C ASN A 7 -17.14 -4.59 3.13
N LEU A 8 -16.50 -3.57 2.58
CA LEU A 8 -15.58 -2.72 3.32
C LEU A 8 -16.15 -1.31 3.36
N GLN A 9 -16.03 -0.66 4.52
CA GLN A 9 -16.37 0.75 4.61
C GLN A 9 -15.37 1.57 3.81
N THR A 10 -15.81 2.76 3.37
CA THR A 10 -14.92 3.64 2.63
C THR A 10 -13.64 3.91 3.41
N ASP A 11 -13.74 4.14 4.73
CA ASP A 11 -12.54 4.41 5.51
C ASP A 11 -11.72 3.16 5.82
N GLU A 12 -12.16 1.97 5.38
CA GLU A 12 -11.37 0.75 5.45
C GLU A 12 -10.65 0.44 4.15
N MET A 13 -10.74 1.35 3.17
CA MET A 13 -10.16 1.12 1.85
C MET A 13 -9.08 2.15 1.55
N SER A 14 -8.44 1.96 0.40
CA SER A 14 -7.21 2.64 0.04
C SER A 14 -7.38 3.38 -1.27
N SER A 15 -6.67 4.51 -1.39
CA SER A 15 -6.61 5.18 -2.68
C SER A 15 -5.85 4.33 -3.69
N SER A 16 -6.28 4.41 -4.95
CA SER A 16 -5.60 3.77 -6.07
C SER A 16 -4.76 4.77 -6.87
N ARG A 17 -4.66 6.02 -6.43
CA ARG A 17 -3.75 6.97 -7.05
C ARG A 17 -2.66 7.48 -6.13
N TRP A 18 -2.75 7.24 -4.81
CA TRP A 18 -1.66 7.57 -3.91
C TRP A 18 -1.76 6.56 -2.76
N PRO A 19 -0.69 5.84 -2.44
CA PRO A 19 -0.81 4.81 -1.41
C PRO A 19 -1.07 5.41 -0.05
N ASN A 20 -2.33 5.38 0.38
CA ASN A 20 -2.72 5.90 1.68
C ASN A 20 -4.19 5.54 1.90
N PRO A 21 -4.66 5.53 3.15
CA PRO A 21 -6.09 5.25 3.40
C PRO A 21 -6.97 6.35 2.84
N LEU A 22 -8.13 5.95 2.35
CA LEU A 22 -9.12 6.95 1.96
C LEU A 22 -9.55 7.76 3.18
N ALA A 23 -9.62 9.08 3.00
CA ALA A 23 -10.00 9.98 4.08
C ALA A 23 -11.24 10.82 3.78
N THR A 24 -11.58 11.05 2.51
N THR A 24 -11.60 11.01 2.51
CA THR A 24 -12.77 11.81 2.17
CA THR A 24 -12.75 11.83 2.16
C THR A 24 -13.51 11.12 1.04
C THR A 24 -13.49 11.18 0.99
N LEU A 25 -14.79 11.44 0.94
CA LEU A 25 -15.67 10.95 -0.12
C LEU A 25 -16.53 12.14 -0.50
N PHE A 26 -16.39 12.65 -1.73
CA PHE A 26 -17.05 13.91 -2.01
C PHE A 26 -17.32 14.02 -3.50
N ALA A 27 -18.25 14.92 -3.83
CA ALA A 27 -18.58 15.26 -5.21
C ALA A 27 -18.43 16.75 -5.37
N ASP A 28 -17.61 17.18 -6.33
CA ASP A 28 -17.39 18.60 -6.60
C ASP A 28 -17.83 18.92 -8.03
N PRO A 29 -19.00 19.53 -8.21
CA PRO A 29 -19.51 19.78 -9.56
C PRO A 29 -18.87 20.98 -10.26
N ASN A 30 -17.97 21.71 -9.59
CA ASN A 30 -17.39 22.92 -10.17
C ASN A 30 -15.89 22.80 -10.43
N VAL A 31 -15.40 21.60 -10.72
CA VAL A 31 -14.01 21.45 -11.09
C VAL A 31 -13.82 21.93 -12.52
N ALA A 32 -12.67 22.57 -12.79
CA ALA A 32 -12.49 23.29 -14.04
C ALA A 32 -12.54 22.36 -15.24
N VAL A 33 -11.91 21.19 -15.16
CA VAL A 33 -11.82 20.29 -16.30
C VAL A 33 -11.95 18.85 -15.80
N ALA A 34 -12.41 17.98 -16.70
CA ALA A 34 -12.58 16.58 -16.37
C ALA A 34 -11.23 15.91 -16.15
N PRO A 35 -11.12 15.01 -15.20
CA PRO A 35 -9.84 14.35 -14.95
C PRO A 35 -9.58 13.27 -15.98
N GLN A 36 -8.31 13.04 -16.26
CA GLN A 36 -7.86 11.98 -17.17
C GLN A 36 -6.82 11.11 -16.48
N TRP A 37 -7.11 10.71 -15.24
CA TRP A 37 -6.24 9.88 -14.43
C TRP A 37 -5.82 8.63 -15.18
N GLN A 38 -4.55 8.27 -15.04
CA GLN A 38 -4.05 7.06 -15.67
C GLN A 38 -3.89 5.90 -14.69
N ASN A 39 -3.84 6.18 -13.39
CA ASN A 39 -3.88 5.14 -12.37
C ASN A 39 -5.28 5.08 -11.75
N GLY A 40 -5.57 3.95 -11.11
CA GLY A 40 -6.88 3.77 -10.51
C GLY A 40 -7.99 3.57 -11.52
N ARG A 41 -7.68 2.99 -12.68
CA ARG A 41 -8.63 2.85 -13.77
C ARG A 41 -8.78 1.38 -14.12
N CYS A 42 -10.02 0.88 -14.07
CA CYS A 42 -10.30 -0.52 -14.31
C CYS A 42 -11.77 -0.66 -14.67
N THR A 43 -12.08 -1.50 -15.66
CA THR A 43 -13.49 -1.76 -15.97
C THR A 43 -14.07 -2.77 -14.98
N LEU A 44 -15.39 -2.86 -14.95
CA LEU A 44 -16.04 -3.78 -14.02
C LEU A 44 -15.70 -5.23 -14.36
N GLU A 45 -15.40 -5.51 -15.62
CA GLU A 45 -15.00 -6.83 -16.07
C GLU A 45 -13.50 -7.10 -15.86
N GLY A 46 -12.80 -6.26 -15.11
CA GLY A 46 -11.43 -6.54 -14.70
C GLY A 46 -10.35 -6.19 -15.70
N GLU A 47 -10.61 -5.25 -16.59
CA GLU A 47 -9.59 -4.81 -17.54
C GLU A 47 -8.94 -3.53 -17.01
N LEU A 48 -7.65 -3.61 -16.73
CA LEU A 48 -6.93 -2.44 -16.25
C LEU A 48 -6.72 -1.44 -17.38
N LEU A 49 -6.83 -0.16 -17.07
CA LEU A 49 -6.64 0.89 -18.05
C LEU A 49 -5.46 1.76 -17.64
N GLY A 50 -4.86 2.42 -18.63
CA GLY A 50 -3.82 3.38 -18.32
C GLY A 50 -2.59 2.68 -17.74
N THR A 51 -1.97 3.33 -16.76
CA THR A 51 -0.80 2.77 -16.10
C THR A 51 -1.16 2.04 -14.80
N THR A 52 -2.45 1.82 -14.55
CA THR A 52 -2.92 1.16 -13.34
C THR A 52 -2.21 -0.17 -13.11
N PRO A 53 -1.48 -0.33 -12.01
CA PRO A 53 -0.74 -1.58 -11.79
C PRO A 53 -1.65 -2.72 -11.37
N ARG A 54 -1.32 -3.92 -11.85
N ARG A 54 -1.32 -3.92 -11.85
CA ARG A 54 -2.04 -5.11 -11.42
CA ARG A 54 -2.05 -5.10 -11.43
C ARG A 54 -1.77 -5.41 -9.96
C ARG A 54 -1.75 -5.47 -9.98
N ASN A 55 -0.53 -5.22 -9.53
CA ASN A 55 -0.17 -5.37 -8.11
C ASN A 55 -0.42 -4.05 -7.41
N ALA A 56 -1.30 -4.06 -6.41
CA ALA A 56 -1.62 -2.84 -5.68
C ALA A 56 -0.36 -2.12 -5.18
N SER A 57 0.66 -2.89 -4.77
N SER A 57 0.65 -2.88 -4.75
CA SER A 57 1.81 -2.30 -4.12
CA SER A 57 1.84 -2.29 -4.17
C SER A 57 2.86 -1.76 -5.09
C SER A 57 2.89 -1.89 -5.19
N TRP A 58 2.66 -1.87 -6.40
N TRP A 58 2.56 -1.93 -6.50
CA TRP A 58 3.55 -1.22 -7.35
CA TRP A 58 3.39 -1.31 -7.51
C TRP A 58 3.14 0.21 -7.66
C TRP A 58 3.15 0.19 -7.63
N LEU A 59 2.05 0.68 -7.07
CA LEU A 59 1.72 2.09 -7.19
C LEU A 59 2.77 2.94 -6.49
N ASN A 60 3.30 3.94 -7.21
CA ASN A 60 4.37 4.82 -6.75
C ASN A 60 5.68 4.09 -6.54
N ARG A 61 5.84 2.88 -7.07
CA ARG A 61 7.12 2.21 -7.06
C ARG A 61 7.75 2.27 -8.46
N PHE A 62 9.07 2.12 -8.52
CA PHE A 62 9.77 2.13 -9.78
C PHE A 62 10.99 1.22 -9.68
N ARG A 63 11.45 0.75 -10.83
CA ARG A 63 12.56 -0.17 -10.97
C ARG A 63 13.35 0.26 -12.20
N GLY A 64 14.67 0.19 -12.12
CA GLY A 64 15.46 0.50 -13.29
C GLY A 64 16.90 0.07 -13.10
N VAL A 65 17.75 0.53 -14.01
N VAL A 65 17.74 0.50 -14.03
CA VAL A 65 19.19 0.24 -13.94
CA VAL A 65 19.18 0.27 -13.94
C VAL A 65 19.96 1.53 -14.19
C VAL A 65 19.89 1.60 -14.12
N SER A 66 20.96 1.78 -13.35
CA SER A 66 21.74 3.01 -13.47
C SER A 66 22.49 3.04 -14.80
N THR A 67 22.43 4.17 -15.48
CA THR A 67 23.11 4.31 -16.77
C THR A 67 24.56 4.76 -16.64
N ALA A 68 24.94 5.30 -15.48
CA ALA A 68 26.28 5.77 -15.21
C ALA A 68 26.42 5.81 -13.70
N ALA A 69 27.66 5.88 -13.24
CA ALA A 69 27.87 6.00 -11.80
C ALA A 69 27.36 7.35 -11.32
N VAL A 70 26.85 7.35 -10.09
CA VAL A 70 26.43 8.58 -9.43
C VAL A 70 27.57 9.58 -9.44
N ALA A 71 27.25 10.82 -9.78
CA ALA A 71 28.19 11.93 -9.70
C ALA A 71 27.38 13.22 -9.57
N ASN A 72 27.86 14.14 -8.73
CA ASN A 72 27.22 15.44 -8.53
C ASN A 72 25.77 15.30 -8.10
N GLN A 73 25.49 14.28 -7.28
CA GLN A 73 24.16 14.03 -6.71
C GLN A 73 23.13 13.71 -7.80
N VAL A 74 23.58 13.15 -8.92
CA VAL A 74 22.71 12.78 -10.02
C VAL A 74 22.76 11.27 -10.21
N LEU A 75 21.61 10.65 -10.30
CA LEU A 75 21.48 9.23 -10.63
C LEU A 75 20.51 9.11 -11.80
N HIS A 76 21.02 8.63 -12.94
N HIS A 76 20.98 8.63 -12.94
CA HIS A 76 20.19 8.36 -14.12
CA HIS A 76 20.08 8.42 -14.06
C HIS A 76 19.76 6.90 -14.10
C HIS A 76 19.75 6.94 -14.20
N LEU A 77 18.46 6.65 -14.28
CA LEU A 77 17.96 5.28 -14.40
C LEU A 77 17.34 5.06 -15.77
N THR A 78 17.73 3.97 -16.43
CA THR A 78 16.91 3.40 -17.49
C THR A 78 15.79 2.61 -16.83
N LEU A 79 14.53 2.88 -17.23
CA LEU A 79 13.39 2.34 -16.50
C LEU A 79 13.03 0.92 -16.95
N TYR A 80 12.59 0.12 -15.99
CA TYR A 80 12.00 -1.19 -16.21
C TYR A 80 10.53 -1.17 -15.83
N GLU A 81 9.81 -2.20 -16.27
CA GLU A 81 8.47 -2.44 -15.75
C GLU A 81 8.55 -3.18 -14.41
N PRO A 82 7.45 -3.20 -13.65
CA PRO A 82 7.40 -4.02 -12.44
C PRO A 82 7.82 -5.48 -12.64
N ASP A 83 7.52 -6.08 -13.80
CA ASP A 83 7.91 -7.47 -14.01
C ASP A 83 9.40 -7.63 -14.23
N GLY A 84 10.17 -6.54 -14.25
CA GLY A 84 11.60 -6.61 -14.47
C GLY A 84 12.02 -6.53 -15.92
N SER A 85 11.08 -6.59 -16.85
CA SER A 85 11.42 -6.37 -18.26
C SER A 85 11.66 -4.89 -18.49
N VAL A 86 12.42 -4.59 -19.56
N VAL A 86 12.41 -4.59 -19.56
CA VAL A 86 12.74 -3.20 -19.86
CA VAL A 86 12.73 -3.21 -19.90
C VAL A 86 11.49 -2.48 -20.34
C VAL A 86 11.47 -2.49 -20.33
N PHE A 87 11.33 -1.24 -19.90
CA PHE A 87 10.21 -0.42 -20.35
C PHE A 87 10.47 0.04 -21.77
N ASN A 88 9.52 -0.20 -22.68
CA ASN A 88 9.73 0.14 -24.07
C ASN A 88 8.95 1.38 -24.45
N PRO A 89 9.62 2.52 -24.65
CA PRO A 89 8.89 3.74 -25.05
C PRO A 89 8.05 3.56 -26.29
N LEU A 90 8.49 2.71 -27.21
CA LEU A 90 7.78 2.55 -28.48
C LEU A 90 6.40 1.92 -28.30
N SER A 91 6.13 1.32 -27.15
CA SER A 91 4.85 0.67 -26.90
C SER A 91 3.69 1.67 -26.86
N GLY A 92 3.98 2.96 -26.67
CA GLY A 92 2.94 3.95 -26.49
C GLY A 92 2.53 4.22 -25.05
N ALA A 93 3.07 3.47 -24.10
CA ALA A 93 2.74 3.74 -22.71
C ALA A 93 3.40 5.04 -22.26
N PRO A 94 2.72 5.85 -21.43
CA PRO A 94 3.32 7.11 -20.98
C PRO A 94 4.39 6.92 -19.92
N ALA A 95 4.43 5.77 -19.27
CA ALA A 95 5.31 5.52 -18.14
C ALA A 95 5.18 4.05 -17.76
N PRO A 96 6.13 3.51 -16.99
CA PRO A 96 5.93 2.20 -16.40
C PRO A 96 4.69 2.20 -15.52
N GLU A 97 4.08 1.02 -15.37
CA GLU A 97 2.91 0.85 -14.50
C GLU A 97 3.20 1.42 -13.11
N GLY A 98 2.23 2.15 -12.57
CA GLY A 98 2.34 2.67 -11.22
C GLY A 98 2.96 4.04 -11.08
N PHE A 99 3.53 4.59 -12.16
CA PHE A 99 4.15 5.91 -12.07
C PHE A 99 3.10 6.99 -11.83
N PRO A 100 3.45 8.03 -11.07
CA PRO A 100 2.54 9.18 -10.88
C PRO A 100 1.97 9.73 -12.18
N ASP A 101 0.69 10.08 -12.13
CA ASP A 101 -0.11 10.49 -13.29
C ASP A 101 -0.61 11.92 -13.13
N PHE A 102 0.19 12.79 -12.51
CA PHE A 102 -0.22 14.17 -12.30
C PHE A 102 1.02 15.06 -12.29
N THR A 103 0.76 16.37 -12.34
CA THR A 103 1.80 17.39 -12.40
C THR A 103 2.20 17.84 -11.00
N ALA A 104 3.51 17.92 -10.77
CA ALA A 104 4.08 18.38 -9.51
C ALA A 104 5.41 19.05 -9.82
N GLN A 105 5.91 19.86 -8.88
CA GLN A 105 7.20 20.50 -9.09
C GLN A 105 8.36 19.54 -8.84
N GLU A 106 8.18 18.63 -7.89
N GLU A 106 8.18 18.60 -7.92
CA GLU A 106 9.17 17.62 -7.53
CA GLU A 106 9.19 17.57 -7.75
C GLU A 106 8.42 16.35 -7.16
C GLU A 106 8.55 16.37 -7.08
N TYR A 107 9.05 15.21 -7.43
CA TYR A 107 8.57 13.92 -6.93
C TYR A 107 9.67 13.39 -6.03
N HIS A 108 9.43 13.37 -4.71
CA HIS A 108 10.46 12.96 -3.77
C HIS A 108 10.49 11.44 -3.66
N LEU A 109 11.69 10.88 -3.50
CA LEU A 109 11.78 9.43 -3.56
C LEU A 109 12.86 8.92 -2.61
N ARG A 110 12.80 7.60 -2.38
CA ARG A 110 13.87 6.82 -1.78
C ARG A 110 14.08 5.62 -2.67
N ALA A 111 15.32 5.12 -2.70
CA ALA A 111 15.62 3.97 -3.53
C ALA A 111 16.81 3.21 -2.94
N ALA A 112 16.97 1.97 -3.38
CA ALA A 112 18.09 1.13 -2.95
C ALA A 112 18.32 0.04 -3.98
N GLY A 113 19.56 -0.45 -4.04
CA GLY A 113 19.90 -1.63 -4.80
C GLY A 113 20.28 -2.78 -3.89
N LYS A 114 20.70 -3.88 -4.52
CA LYS A 114 21.03 -5.09 -3.77
C LYS A 114 22.47 -5.10 -3.27
N VAL A 115 23.22 -4.01 -3.44
CA VAL A 115 24.59 -3.92 -2.99
C VAL A 115 24.71 -2.72 -2.06
N ALA A 116 25.85 -2.67 -1.36
CA ALA A 116 26.05 -1.67 -0.34
C ALA A 116 26.20 -0.28 -0.95
N ASN A 117 25.89 0.72 -0.14
CA ASN A 117 26.06 2.14 -0.48
C ASN A 117 25.16 2.56 -1.63
N THR A 118 23.98 1.96 -1.72
CA THR A 118 23.01 2.36 -2.73
C THR A 118 21.70 2.85 -2.16
N THR A 119 21.50 2.82 -0.84
CA THR A 119 20.28 3.38 -0.26
C THR A 119 20.40 4.89 -0.23
N GLY A 120 19.41 5.57 -0.82
CA GLY A 120 19.49 7.01 -0.78
C GLY A 120 18.12 7.63 -0.94
N GLY A 121 18.10 8.94 -0.77
CA GLY A 121 16.95 9.73 -1.11
C GLY A 121 17.29 10.69 -2.23
N GLY A 122 16.29 11.09 -2.99
CA GLY A 122 16.49 12.09 -4.01
C GLY A 122 15.15 12.57 -4.50
N GLU A 123 15.15 13.17 -5.68
CA GLU A 123 13.87 13.63 -6.24
C GLU A 123 13.97 13.66 -7.76
N ILE A 124 12.81 13.69 -8.40
CA ILE A 124 12.73 13.94 -9.83
C ILE A 124 12.09 15.31 -9.99
N LYS A 125 12.85 16.27 -10.49
CA LYS A 125 12.28 17.59 -10.78
C LYS A 125 11.30 17.48 -11.94
N SER A 126 10.28 18.35 -11.94
CA SER A 126 9.26 18.31 -12.98
C SER A 126 9.85 18.24 -14.38
N THR A 127 10.85 19.08 -14.67
CA THR A 127 11.42 19.10 -16.02
C THR A 127 12.07 17.77 -16.37
N ASP A 128 12.47 16.98 -15.36
CA ASP A 128 13.06 15.67 -15.56
C ASP A 128 12.05 14.54 -15.50
N TYR A 129 10.78 14.83 -15.19
CA TYR A 129 9.76 13.78 -15.09
C TYR A 129 9.24 13.51 -16.51
N THR A 130 10.04 12.78 -17.27
CA THR A 130 9.70 12.44 -18.66
C THR A 130 9.86 10.95 -18.88
N PRO A 131 9.13 10.12 -18.13
CA PRO A 131 9.36 8.68 -18.18
C PRO A 131 9.01 8.05 -19.51
N ALA A 132 8.14 8.67 -20.30
CA ALA A 132 7.85 8.10 -21.60
C ALA A 132 9.09 7.99 -22.47
N LEU A 133 10.16 8.74 -22.14
CA LEU A 133 11.37 8.67 -22.94
C LEU A 133 12.22 7.45 -22.60
N GLY A 134 11.90 6.73 -21.52
CA GLY A 134 12.56 5.49 -21.17
C GLY A 134 13.45 5.54 -19.95
N GLY A 135 13.62 6.71 -19.34
CA GLY A 135 14.48 6.86 -18.19
C GLY A 135 14.07 8.05 -17.37
N VAL A 136 14.67 8.19 -16.19
CA VAL A 136 14.48 9.39 -15.37
C VAL A 136 15.81 9.81 -14.76
N LYS A 137 16.03 11.12 -14.73
CA LYS A 137 17.19 11.72 -14.07
C LYS A 137 16.78 12.08 -12.65
N ILE A 138 17.39 11.41 -11.67
CA ILE A 138 17.13 11.68 -10.25
C ILE A 138 18.20 12.64 -9.77
N THR A 139 17.77 13.74 -9.17
CA THR A 139 18.69 14.74 -8.66
C THR A 139 18.57 14.81 -7.14
N ALA A 140 19.49 15.58 -6.53
CA ALA A 140 19.63 15.63 -5.07
C ALA A 140 19.78 14.22 -4.49
N TRP A 141 20.37 13.31 -5.26
CA TRP A 141 20.57 11.95 -4.81
C TRP A 141 21.74 11.91 -3.83
N ASP A 142 21.51 11.35 -2.63
CA ASP A 142 22.44 11.55 -1.52
C ASP A 142 23.25 10.31 -1.15
N ALA A 143 23.25 9.26 -1.96
CA ALA A 143 24.11 8.12 -1.71
C ALA A 143 25.35 8.16 -2.62
N THR A 144 26.40 7.46 -2.18
CA THR A 144 27.65 7.48 -2.96
C THR A 144 27.55 6.59 -4.18
N GLY A 145 26.77 5.52 -4.09
CA GLY A 145 26.49 4.66 -5.21
C GLY A 145 25.07 4.84 -5.68
N PRO A 146 24.65 4.06 -6.70
CA PRO A 146 25.40 2.97 -7.35
C PRO A 146 26.40 3.37 -8.42
N SER A 147 27.26 2.42 -8.77
CA SER A 147 27.99 2.50 -10.02
C SER A 147 27.04 2.24 -11.18
N ALA A 148 27.57 2.28 -12.40
CA ALA A 148 26.75 1.99 -13.57
C ALA A 148 26.30 0.54 -13.60
N GLY A 149 25.13 0.32 -14.20
CA GLY A 149 24.68 -1.04 -14.49
C GLY A 149 24.04 -1.76 -13.34
N VAL A 150 23.68 -1.05 -12.28
CA VAL A 150 23.16 -1.65 -11.05
C VAL A 150 21.64 -1.46 -11.02
N GLU A 151 20.92 -2.53 -10.70
CA GLU A 151 19.47 -2.45 -10.57
C GLU A 151 19.09 -1.66 -9.32
N MET A 152 18.16 -0.72 -9.47
CA MET A 152 17.65 0.08 -8.37
C MET A 152 16.13 -0.05 -8.31
N THR A 153 15.60 -0.13 -7.10
N THR A 153 15.59 -0.18 -7.11
CA THR A 153 14.16 -0.12 -6.89
CA THR A 153 14.16 -0.10 -6.88
C THR A 153 13.83 0.93 -5.84
C THR A 153 13.89 1.03 -5.91
N GLY A 154 12.73 1.65 -6.04
CA GLY A 154 12.42 2.74 -5.14
C GLY A 154 10.95 3.03 -5.03
N GLN A 155 10.64 4.06 -4.25
N GLN A 155 10.66 4.09 -4.29
CA GLN A 155 9.27 4.48 -4.03
CA GLN A 155 9.29 4.48 -3.94
C GLN A 155 9.21 5.99 -4.00
C GLN A 155 9.19 5.99 -3.96
N ILE A 156 8.16 6.52 -4.60
CA ILE A 156 7.88 7.96 -4.57
C ILE A 156 7.05 8.20 -3.32
N GLU A 157 7.53 9.06 -2.43
N GLU A 157 7.55 9.07 -2.44
CA GLU A 157 6.98 9.16 -1.08
CA GLU A 157 7.10 9.21 -1.06
C GLU A 157 6.20 10.43 -0.81
C GLU A 157 6.23 10.42 -0.82
N SER A 158 6.43 11.48 -1.61
CA SER A 158 5.82 12.79 -1.39
C SER A 158 6.12 13.61 -2.62
N ILE A 159 5.51 14.79 -2.72
CA ILE A 159 5.70 15.65 -3.89
C ILE A 159 5.87 17.07 -3.43
N GLY A 160 6.58 17.85 -4.24
CA GLY A 160 6.48 19.30 -4.13
C GLY A 160 5.26 19.73 -4.91
N MET A 161 4.31 20.39 -4.25
CA MET A 161 2.98 20.55 -4.86
C MET A 161 2.41 21.91 -4.44
N GLU A 162 2.67 22.92 -5.27
CA GLU A 162 2.23 24.26 -4.92
C GLU A 162 0.74 24.48 -5.12
N ASN A 163 0.08 23.66 -5.95
CA ASN A 163 -1.28 23.91 -6.39
C ASN A 163 -2.06 22.60 -6.40
N ASN A 164 -3.10 22.50 -5.56
CA ASN A 164 -3.84 21.24 -5.47
C ASN A 164 -4.51 20.86 -6.79
N THR A 165 -4.88 21.84 -7.62
CA THR A 165 -5.56 21.51 -8.88
C THR A 165 -4.67 20.72 -9.84
N ASP A 166 -3.36 20.73 -9.64
CA ASP A 166 -2.47 19.99 -10.52
C ASP A 166 -2.58 18.47 -10.35
N PHE A 167 -3.26 17.99 -9.31
CA PHE A 167 -3.50 16.55 -9.22
C PHE A 167 -4.35 16.04 -10.37
N ASP A 168 -5.12 16.93 -11.01
CA ASP A 168 -5.96 16.59 -12.15
C ASP A 168 -5.39 17.06 -13.48
N VAL A 169 -4.10 17.34 -13.53
CA VAL A 169 -3.43 17.78 -14.77
C VAL A 169 -2.35 16.76 -15.10
N LEU A 170 -2.52 16.02 -16.21
CA LEU A 170 -1.54 15.02 -16.58
C LEU A 170 -0.16 15.67 -16.75
N PRO A 171 0.91 15.00 -16.34
CA PRO A 171 2.26 15.52 -16.59
C PRO A 171 2.62 15.40 -18.06
N ASP A 172 3.70 16.11 -18.44
CA ASP A 172 4.24 16.04 -19.80
C ASP A 172 5.15 14.82 -19.89
N TYR A 173 4.51 13.65 -19.94
CA TYR A 173 5.22 12.38 -19.85
C TYR A 173 6.37 12.26 -20.84
N ASN A 174 6.22 12.81 -22.05
CA ASN A 174 7.26 12.70 -23.05
C ASN A 174 8.05 13.99 -23.21
N GLY A 175 7.91 14.93 -22.28
CA GLY A 175 8.68 16.16 -22.34
C GLY A 175 8.14 17.21 -23.26
N SER A 176 6.93 17.01 -23.79
CA SER A 176 6.30 17.96 -24.71
C SER A 176 4.85 18.13 -24.33
N ALA A 177 4.23 19.13 -24.94
CA ALA A 177 2.80 19.38 -24.76
C ALA A 177 1.93 18.50 -25.65
N PHE A 178 2.52 17.59 -26.44
CA PHE A 178 1.79 16.81 -27.43
C PHE A 178 1.77 15.35 -27.02
N ASP A 179 0.60 14.87 -26.61
CA ASP A 179 0.44 13.50 -26.10
C ASP A 179 -0.24 12.59 -27.11
N GLY A 180 -0.32 13.01 -28.37
CA GLY A 180 -1.09 12.27 -29.36
C GLY A 180 -0.62 10.84 -29.58
N SER A 181 0.68 10.58 -29.44
CA SER A 181 1.18 9.22 -29.64
C SER A 181 1.04 8.34 -28.41
N LEU A 182 0.61 8.89 -27.28
CA LEU A 182 0.51 8.13 -26.04
C LEU A 182 -0.83 7.43 -25.93
N ASN A 183 -0.79 6.19 -25.44
CA ASN A 183 -1.99 5.38 -25.23
C ASN A 183 -2.51 5.68 -23.83
N LEU A 184 -3.41 6.65 -23.75
CA LEU A 184 -3.93 7.18 -22.49
C LEU A 184 -5.37 6.74 -22.27
N ALA A 185 -5.67 6.28 -21.05
CA ALA A 185 -7.07 6.07 -20.69
C ALA A 185 -7.84 7.37 -20.87
N PRO A 186 -9.12 7.29 -21.25
CA PRO A 186 -9.85 8.50 -21.66
C PRO A 186 -10.29 9.34 -20.47
N PRO A 187 -10.65 10.60 -20.71
CA PRO A 187 -11.17 11.44 -19.62
C PRO A 187 -12.44 10.85 -19.03
N ILE A 188 -12.66 11.14 -17.75
CA ILE A 188 -13.79 10.62 -16.98
C ILE A 188 -14.88 11.68 -17.00
N VAL A 189 -15.97 11.42 -17.71
CA VAL A 189 -17.04 12.39 -17.89
C VAL A 189 -18.37 11.70 -17.64
N PRO A 190 -19.18 12.15 -16.69
CA PRO A 190 -20.48 11.52 -16.46
C PRO A 190 -21.32 11.49 -17.73
N LEU A 191 -22.10 10.42 -17.88
CA LEU A 191 -22.90 10.26 -19.10
C LEU A 191 -24.16 11.14 -19.09
N LEU A 192 -24.75 11.41 -17.91
CA LEU A 192 -25.89 12.32 -17.84
C LEU A 192 -25.43 13.69 -17.35
N PRO A 193 -26.09 14.77 -17.77
CA PRO A 193 -25.53 16.10 -17.51
C PRO A 193 -25.63 16.56 -16.06
N GLY A 194 -26.67 16.15 -15.32
CA GLY A 194 -26.75 16.49 -13.91
C GLY A 194 -25.94 15.63 -12.97
N GLU A 195 -25.18 14.68 -13.51
CA GLU A 195 -24.36 13.80 -12.68
C GLU A 195 -23.01 14.43 -12.38
N THR A 196 -22.44 14.05 -11.24
CA THR A 196 -21.16 14.56 -10.79
C THR A 196 -20.32 13.37 -10.38
N LEU A 197 -19.05 13.39 -10.77
CA LEU A 197 -18.12 12.33 -10.40
C LEU A 197 -17.99 12.24 -8.89
N LEU A 198 -18.13 11.03 -8.35
CA LEU A 198 -17.90 10.80 -6.93
C LEU A 198 -16.42 10.50 -6.72
N ARG A 199 -15.76 11.32 -5.91
CA ARG A 199 -14.32 11.24 -5.72
C ARG A 199 -13.96 10.56 -4.41
N PHE A 200 -13.08 9.56 -4.48
CA PHE A 200 -12.52 8.89 -3.32
C PHE A 200 -11.18 9.58 -3.02
N GLY A 201 -11.10 10.31 -1.90
CA GLY A 201 -9.96 11.17 -1.63
C GLY A 201 -9.02 10.67 -0.54
N THR A 202 -7.73 11.01 -0.68
CA THR A 202 -6.75 10.78 0.37
C THR A 202 -5.79 11.97 0.42
N VAL A 203 -4.96 12.01 1.45
CA VAL A 203 -4.05 13.13 1.70
C VAL A 203 -2.62 12.65 1.46
N PRO A 204 -1.96 13.10 0.40
CA PRO A 204 -0.52 12.83 0.24
C PRO A 204 0.29 13.84 1.03
N ILE A 205 1.50 13.44 1.41
CA ILE A 205 2.43 14.40 2.00
C ILE A 205 3.01 15.27 0.90
N THR A 206 2.88 16.61 1.04
CA THR A 206 3.51 17.48 0.06
C THR A 206 4.20 18.66 0.76
N THR A 207 5.21 19.19 0.06
CA THR A 207 5.80 20.48 0.36
C THR A 207 5.16 21.55 -0.52
N ARG A 208 5.66 22.79 -0.38
CA ARG A 208 5.17 23.95 -1.13
C ARG A 208 3.72 24.28 -0.78
N ARG A 209 3.39 24.23 0.52
CA ARG A 209 2.04 24.48 0.99
C ARG A 209 1.91 25.87 1.63
N GLN A 210 2.72 26.83 1.20
CA GLN A 210 2.64 28.16 1.77
C GLN A 210 1.39 28.91 1.31
N SER A 211 0.98 28.71 0.06
N SER A 211 0.98 28.71 0.06
CA SER A 211 -0.21 29.39 -0.46
CA SER A 211 -0.21 29.40 -0.45
C SER A 211 -1.47 28.89 0.26
C SER A 211 -1.47 28.90 0.25
N ASP A 212 -1.70 27.58 0.24
CA ASP A 212 -2.85 26.99 0.90
C ASP A 212 -2.44 25.56 1.27
N PRO A 213 -2.67 25.13 2.51
CA PRO A 213 -2.04 23.89 2.98
C PRO A 213 -2.82 22.60 2.76
N ILE A 214 -4.08 22.64 2.33
CA ILE A 214 -4.85 21.41 2.19
C ILE A 214 -4.51 20.72 0.88
N ARG A 215 -4.10 19.45 0.96
CA ARG A 215 -3.77 18.66 -0.21
C ARG A 215 -4.67 17.43 -0.25
N ILE A 216 -5.37 17.24 -1.35
CA ILE A 216 -6.27 16.09 -1.52
C ILE A 216 -6.12 15.57 -2.94
N ILE A 217 -5.81 14.29 -3.08
CA ILE A 217 -5.77 13.62 -4.38
C ILE A 217 -6.91 12.61 -4.42
N SER A 218 -7.64 12.59 -5.53
CA SER A 218 -8.83 11.75 -5.66
C SER A 218 -8.58 10.62 -6.65
N CYS A 219 -9.40 9.57 -6.54
CA CYS A 219 -9.34 8.47 -7.49
C CYS A 219 -10.76 8.01 -7.79
N ALA A 220 -10.89 7.25 -8.89
CA ALA A 220 -12.20 6.84 -9.36
C ALA A 220 -12.70 5.58 -8.66
N LEU A 221 -11.78 4.72 -8.22
CA LEU A 221 -12.10 3.44 -7.60
C LEU A 221 -11.15 3.20 -6.43
N PRO A 222 -11.65 2.80 -5.26
CA PRO A 222 -10.74 2.29 -4.23
C PRO A 222 -9.90 1.15 -4.78
N GLN A 223 -8.65 1.07 -4.34
CA GLN A 223 -7.81 -0.03 -4.79
C GLN A 223 -8.48 -1.38 -4.54
N GLU A 224 -9.17 -1.52 -3.40
CA GLU A 224 -9.76 -2.82 -3.07
C GLU A 224 -10.87 -3.21 -4.06
N TRP A 225 -11.54 -2.23 -4.66
CA TRP A 225 -12.51 -2.56 -5.72
C TRP A 225 -11.79 -3.03 -6.98
N ILE A 226 -10.69 -2.39 -7.35
CA ILE A 226 -9.95 -2.81 -8.53
C ILE A 226 -9.51 -4.26 -8.37
N THR A 227 -8.90 -4.58 -7.23
CA THR A 227 -8.52 -5.96 -6.97
C THR A 227 -9.72 -6.89 -6.99
N TRP A 228 -10.86 -6.43 -6.47
CA TRP A 228 -12.10 -7.21 -6.54
C TRP A 228 -12.47 -7.56 -7.98
N PHE A 229 -12.34 -6.60 -8.89
CA PHE A 229 -12.66 -6.87 -10.29
C PHE A 229 -11.67 -7.83 -10.92
N LEU A 230 -10.41 -7.81 -10.47
CA LEU A 230 -9.39 -8.70 -11.00
C LEU A 230 -9.58 -10.13 -10.51
N THR A 231 -10.19 -10.31 -9.33
CA THR A 231 -10.30 -11.61 -8.70
C THR A 231 -11.68 -12.23 -8.88
N HIS A 232 -12.55 -11.60 -9.65
CA HIS A 232 -13.85 -12.14 -9.99
C HIS A 232 -14.01 -12.08 -11.51
N ASN A 233 -14.88 -12.93 -12.03
CA ASN A 233 -15.12 -12.99 -13.48
C ASN A 233 -16.49 -12.36 -13.76
N PHE A 234 -16.57 -11.05 -13.58
CA PHE A 234 -17.83 -10.35 -13.72
C PHE A 234 -18.12 -10.05 -15.19
N THR A 235 -19.39 -10.14 -15.55
CA THR A 235 -19.89 -9.69 -16.84
C THR A 235 -20.74 -8.45 -16.60
N ALA A 236 -20.40 -7.36 -17.29
CA ALA A 236 -21.21 -6.13 -17.19
C ALA A 236 -22.51 -6.36 -17.95
N LEU A 237 -23.59 -6.65 -17.21
CA LEU A 237 -24.87 -6.93 -17.84
C LEU A 237 -25.65 -5.67 -18.19
N GLY A 238 -25.14 -4.50 -17.81
CA GLY A 238 -25.76 -3.24 -18.18
C GLY A 238 -24.70 -2.16 -18.26
N ASP A 239 -25.16 -0.96 -18.64
CA ASP A 239 -24.25 0.18 -18.77
C ASP A 239 -23.63 0.58 -17.44
N ALA A 240 -24.37 0.38 -16.35
CA ALA A 240 -23.88 0.82 -15.05
C ALA A 240 -24.45 -0.09 -13.98
N ALA A 241 -23.71 -0.23 -12.89
CA ALA A 241 -24.19 -0.89 -11.69
C ALA A 241 -24.80 0.17 -10.78
N LEU A 242 -26.11 0.04 -10.52
CA LEU A 242 -26.75 0.87 -9.52
C LEU A 242 -26.33 0.39 -8.13
N LEU A 243 -25.81 1.30 -7.33
CA LEU A 243 -25.34 0.99 -5.98
C LEU A 243 -26.10 1.82 -4.96
N ARG A 244 -26.17 1.31 -3.73
CA ARG A 244 -26.61 2.10 -2.59
C ARG A 244 -25.45 2.25 -1.62
N TYR A 245 -25.27 3.46 -1.11
CA TYR A 245 -24.28 3.74 -0.08
C TYR A 245 -25.02 3.80 1.26
N ARG A 246 -24.75 2.82 2.13
CA ARG A 246 -25.51 2.63 3.35
C ARG A 246 -24.59 2.65 4.56
N ASN A 247 -24.99 3.38 5.61
CA ASN A 247 -24.29 3.28 6.90
C ASN A 247 -24.78 2.03 7.59
N GLN A 248 -23.95 0.98 7.64
CA GLN A 248 -24.43 -0.30 8.13
C GLN A 248 -24.66 -0.29 9.63
N ALA A 249 -23.91 0.52 10.38
CA ALA A 249 -24.16 0.63 11.81
C ALA A 249 -25.53 1.25 12.09
N THR A 250 -25.82 2.39 11.47
CA THR A 250 -27.04 3.15 11.73
C THR A 250 -28.19 2.81 10.80
N GLY A 251 -27.96 1.99 9.78
CA GLY A 251 -28.99 1.61 8.83
C GLY A 251 -29.36 2.66 7.80
N GLN A 252 -28.98 3.92 8.01
CA GLN A 252 -29.40 5.02 7.14
C GLN A 252 -28.89 4.81 5.71
N LEU A 253 -29.81 4.77 4.75
CA LEU A 253 -29.44 4.85 3.35
C LEU A 253 -29.01 6.28 3.05
N LEU A 254 -27.77 6.46 2.62
CA LEU A 254 -27.24 7.81 2.41
C LEU A 254 -27.53 8.32 1.01
N PHE A 255 -27.21 7.54 -0.02
CA PHE A 255 -27.56 7.92 -1.38
C PHE A 255 -27.46 6.69 -2.28
N GLU A 256 -28.01 6.81 -3.48
CA GLU A 256 -27.76 5.84 -4.53
C GLU A 256 -26.86 6.48 -5.59
N CYS A 257 -26.15 5.64 -6.32
CA CYS A 257 -25.16 6.14 -7.27
C CYS A 257 -25.02 5.12 -8.39
N LYS A 258 -24.34 5.53 -9.45
CA LYS A 258 -24.11 4.67 -10.60
C LYS A 258 -22.62 4.42 -10.76
N LEU A 259 -22.24 3.14 -10.81
CA LEU A 259 -20.87 2.74 -11.13
C LEU A 259 -20.87 2.34 -12.61
N TYR A 260 -20.38 3.23 -13.46
CA TYR A 260 -20.38 2.95 -14.89
C TYR A 260 -19.40 1.82 -15.21
N ARG A 261 -19.71 1.05 -16.24
CA ARG A 261 -18.90 -0.12 -16.50
C ARG A 261 -17.47 0.22 -16.87
N SER A 262 -17.17 1.45 -17.30
CA SER A 262 -15.80 1.82 -17.60
C SER A 262 -15.00 2.16 -16.34
N GLY A 263 -15.64 2.14 -15.17
CA GLY A 263 -14.92 2.22 -13.91
C GLY A 263 -14.92 3.55 -13.19
N PHE A 264 -16.09 4.16 -12.99
CA PHE A 264 -16.17 5.33 -12.12
C PHE A 264 -17.61 5.47 -11.62
N VAL A 265 -17.76 6.24 -10.55
CA VAL A 265 -19.02 6.39 -9.83
C VAL A 265 -19.51 7.83 -9.94
N VAL A 266 -20.83 8.00 -10.06
CA VAL A 266 -21.43 9.33 -10.12
C VAL A 266 -22.61 9.38 -9.17
N VAL A 267 -22.92 10.60 -8.71
CA VAL A 267 -24.13 10.89 -7.96
C VAL A 267 -24.87 12.01 -8.69
N ASN A 268 -26.14 12.19 -8.34
CA ASN A 268 -27.00 13.17 -8.98
C ASN A 268 -27.43 14.23 -7.97
N GLY A 269 -27.74 15.42 -8.48
CA GLY A 269 -28.32 16.45 -7.63
C GLY A 269 -27.33 17.20 -6.77
N VAL A 270 -26.07 17.23 -7.15
CA VAL A 270 -25.04 17.95 -6.41
C VAL A 270 -24.77 19.27 -7.13
N ASN A 271 -25.03 20.38 -6.43
CA ASN A 271 -24.82 21.71 -7.00
C ASN A 271 -23.62 22.43 -6.42
N VAL A 272 -23.16 22.04 -5.22
CA VAL A 272 -21.95 22.58 -4.61
C VAL A 272 -21.14 21.42 -4.10
N ARG A 273 -19.87 21.68 -3.79
CA ARG A 273 -19.00 20.63 -3.28
C ARG A 273 -19.60 20.02 -2.03
N THR A 274 -19.76 18.70 -2.04
CA THR A 274 -20.53 18.00 -1.02
C THR A 274 -19.72 16.81 -0.51
N GLU A 275 -19.48 16.75 0.80
CA GLU A 275 -18.77 15.64 1.41
C GLU A 275 -19.77 14.66 2.02
N PHE A 276 -19.39 13.38 2.05
CA PHE A 276 -20.25 12.31 2.51
C PHE A 276 -19.59 11.53 3.65
N PRO A 277 -20.38 10.87 4.49
CA PRO A 277 -19.80 10.09 5.59
C PRO A 277 -18.90 8.97 5.07
N MET A 278 -17.85 8.67 5.85
CA MET A 278 -16.87 7.68 5.45
C MET A 278 -17.17 6.29 5.99
N SER A 279 -18.15 6.14 6.89
N SER A 279 -18.15 6.16 6.88
CA SER A 279 -18.39 4.85 7.53
CA SER A 279 -18.45 4.89 7.55
C SER A 279 -19.45 4.02 6.83
C SER A 279 -19.58 4.12 6.87
N GLY A 280 -19.77 4.33 5.57
CA GLY A 280 -20.76 3.60 4.82
C GLY A 280 -20.11 2.53 3.97
N VAL A 281 -20.96 1.63 3.45
CA VAL A 281 -20.54 0.58 2.52
C VAL A 281 -21.37 0.71 1.25
N PHE A 282 -20.71 0.54 0.10
CA PHE A 282 -21.40 0.47 -1.18
C PHE A 282 -21.90 -0.95 -1.45
N GLU A 283 -23.17 -1.08 -1.80
N GLU A 283 -23.17 -1.08 -1.80
CA GLU A 283 -23.80 -2.37 -2.07
CA GLU A 283 -23.80 -2.37 -2.07
C GLU A 283 -24.44 -2.36 -3.45
C GLU A 283 -24.44 -2.36 -3.45
N PHE A 284 -24.23 -3.43 -4.21
CA PHE A 284 -24.84 -3.56 -5.52
C PHE A 284 -26.35 -3.75 -5.40
N VAL A 285 -27.08 -3.09 -6.29
CA VAL A 285 -28.54 -3.25 -6.40
C VAL A 285 -28.90 -3.98 -7.69
N SER A 286 -28.62 -3.37 -8.84
CA SER A 286 -29.00 -3.95 -10.12
C SER A 286 -28.26 -3.21 -11.23
N TRP A 287 -28.38 -3.74 -12.44
CA TRP A 287 -27.82 -3.12 -13.64
C TRP A 287 -28.82 -2.15 -14.26
N VAL A 288 -28.34 -0.99 -14.67
CA VAL A 288 -29.21 0.04 -15.25
C VAL A 288 -28.56 0.63 -16.49
N PRO A 289 -29.35 1.22 -17.38
CA PRO A 289 -28.80 1.84 -18.58
C PRO A 289 -28.13 3.17 -18.28
N ASN A 290 -27.37 3.66 -19.28
CA ASN A 290 -26.61 4.90 -19.14
C ASN A 290 -27.50 6.07 -18.72
N PHE A 291 -28.74 6.10 -19.20
CA PHE A 291 -29.63 7.22 -18.95
C PHE A 291 -30.58 6.96 -17.78
N PHE A 292 -30.31 5.96 -16.96
CA PHE A 292 -31.02 5.79 -15.70
C PHE A 292 -30.77 6.99 -14.81
N GLN A 293 -31.85 7.65 -14.38
CA GLN A 293 -31.73 8.87 -13.61
C GLN A 293 -31.77 8.54 -12.12
N LEU A 294 -30.72 8.97 -11.41
CA LEU A 294 -30.59 8.69 -9.99
C LEU A 294 -31.44 9.63 -9.15
N ALA A 295 -31.84 9.16 -7.98
CA ALA A 295 -32.41 10.05 -6.98
C ALA A 295 -31.34 11.04 -6.52
N PRO A 296 -31.68 12.33 -6.41
CA PRO A 296 -30.69 13.31 -5.96
C PRO A 296 -30.23 12.98 -4.54
N VAL A 297 -28.97 13.31 -4.25
CA VAL A 297 -28.40 13.07 -2.93
C VAL A 297 -29.18 13.86 -1.88
N GLU B 1 -20.40 -19.09 1.85
CA GLU B 1 -19.63 -19.24 0.61
C GLU B 1 -18.49 -20.25 0.79
N PRO B 2 -18.30 -21.13 -0.20
CA PRO B 2 -17.20 -22.11 -0.10
C PRO B 2 -15.84 -21.42 -0.10
N PHE B 3 -14.90 -22.02 0.63
CA PHE B 3 -13.60 -21.40 0.81
C PHE B 3 -12.87 -21.26 -0.52
N SER B 4 -12.13 -20.17 -0.67
CA SER B 4 -11.29 -19.94 -1.83
C SER B 4 -10.20 -18.96 -1.44
N LEU B 5 -9.19 -18.87 -2.30
CA LEU B 5 -8.18 -17.83 -2.25
C LEU B 5 -8.24 -17.04 -3.54
N PRO B 6 -7.86 -15.76 -3.52
CA PRO B 6 -7.91 -14.98 -4.76
C PRO B 6 -6.95 -15.55 -5.80
N ASN B 7 -7.26 -15.33 -7.08
N ASN B 7 -7.34 -15.38 -7.07
CA ASN B 7 -6.51 -15.98 -8.17
CA ASN B 7 -6.55 -15.83 -8.21
C ASN B 7 -5.24 -15.23 -8.57
C ASN B 7 -5.54 -14.75 -8.59
N LEU B 8 -4.64 -14.46 -7.66
CA LEU B 8 -3.48 -13.64 -7.95
C LEU B 8 -2.20 -14.45 -7.81
N GLN B 9 -1.26 -14.24 -8.73
CA GLN B 9 0.07 -14.81 -8.55
C GLN B 9 0.77 -14.19 -7.36
N THR B 10 1.76 -14.91 -6.82
CA THR B 10 2.46 -14.38 -5.65
C THR B 10 3.07 -13.03 -5.94
N ASP B 11 3.66 -12.87 -7.13
CA ASP B 11 4.27 -11.59 -7.49
C ASP B 11 3.24 -10.52 -7.84
N GLU B 12 1.95 -10.84 -7.83
CA GLU B 12 0.89 -9.85 -7.99
C GLU B 12 0.32 -9.40 -6.66
N MET B 13 0.88 -9.88 -5.55
CA MET B 13 0.38 -9.58 -4.22
C MET B 13 1.43 -8.82 -3.40
N SER B 14 1.01 -8.42 -2.21
CA SER B 14 1.72 -7.47 -1.37
C SER B 14 2.04 -8.08 -0.01
N SER B 15 3.14 -7.64 0.58
CA SER B 15 3.44 -8.02 1.96
C SER B 15 2.46 -7.34 2.90
N SER B 16 2.13 -8.05 3.99
CA SER B 16 1.31 -7.52 5.06
C SER B 16 2.14 -7.08 6.26
N ARG B 17 3.47 -7.12 6.16
CA ARG B 17 4.33 -6.61 7.22
C ARG B 17 5.21 -5.45 6.77
N TRP B 18 5.36 -5.21 5.46
CA TRP B 18 6.02 -3.99 4.96
C TRP B 18 5.32 -3.65 3.65
N PRO B 19 4.84 -2.43 3.47
CA PRO B 19 4.10 -2.13 2.23
C PRO B 19 5.02 -2.17 1.03
N ASN B 20 4.95 -3.25 0.26
CA ASN B 20 5.75 -3.44 -0.94
C ASN B 20 5.30 -4.74 -1.61
N PRO B 21 5.57 -4.90 -2.90
CA PRO B 21 5.21 -6.14 -3.59
C PRO B 21 6.02 -7.32 -3.07
N LEU B 22 5.37 -8.48 -2.99
CA LEU B 22 6.09 -9.70 -2.67
C LEU B 22 7.14 -9.97 -3.74
N ALA B 23 8.34 -10.36 -3.29
CA ALA B 23 9.48 -10.60 -4.15
C ALA B 23 10.06 -11.99 -4.04
N THR B 24 9.90 -12.67 -2.90
N THR B 24 9.83 -12.69 -2.94
CA THR B 24 10.42 -14.02 -2.73
CA THR B 24 10.43 -14.00 -2.71
C THR B 24 9.38 -14.85 -2.01
C THR B 24 9.43 -14.86 -1.95
N LEU B 25 9.49 -16.16 -2.20
CA LEU B 25 8.62 -17.15 -1.57
C LEU B 25 9.51 -18.31 -1.19
N PHE B 26 9.61 -18.61 0.11
CA PHE B 26 10.66 -19.55 0.51
C PHE B 26 10.33 -20.15 1.87
N ALA B 27 10.95 -21.29 2.14
CA ALA B 27 10.82 -21.98 3.41
C ALA B 27 12.22 -22.17 3.97
N ASP B 28 12.44 -21.71 5.19
CA ASP B 28 13.74 -21.86 5.84
C ASP B 28 13.58 -22.72 7.08
N PRO B 29 14.03 -23.98 7.05
CA PRO B 29 13.85 -24.88 8.19
C PRO B 29 14.85 -24.67 9.31
N ASN B 30 15.81 -23.77 9.15
CA ASN B 30 16.88 -23.60 10.12
C ASN B 30 16.78 -22.26 10.87
N VAL B 31 15.56 -21.74 11.01
CA VAL B 31 15.32 -20.61 11.89
C VAL B 31 15.08 -21.15 13.29
N ALA B 32 15.94 -20.76 14.23
CA ALA B 32 15.95 -21.41 15.54
C ALA B 32 14.73 -21.04 16.37
N VAL B 33 14.22 -19.82 16.23
CA VAL B 33 13.15 -19.33 17.08
C VAL B 33 11.96 -18.92 16.21
N ALA B 34 10.76 -19.33 16.61
CA ALA B 34 9.57 -19.06 15.83
C ALA B 34 9.28 -17.56 15.80
N PRO B 35 8.73 -17.06 14.69
CA PRO B 35 8.36 -15.64 14.64
C PRO B 35 7.10 -15.37 15.43
N GLN B 36 7.02 -14.16 15.95
CA GLN B 36 5.85 -13.72 16.72
C GLN B 36 5.33 -12.40 16.17
N TRP B 37 5.23 -12.35 14.84
CA TRP B 37 4.78 -11.15 14.14
C TRP B 37 3.44 -10.67 14.66
N GLN B 38 3.30 -9.34 14.80
CA GLN B 38 2.05 -8.77 15.25
C GLN B 38 1.21 -8.20 14.12
N ASN B 39 1.81 -7.89 12.97
CA ASN B 39 1.07 -7.53 11.77
C ASN B 39 0.96 -8.73 10.82
N GLY B 40 0.06 -8.63 9.85
CA GLY B 40 -0.14 -9.74 8.94
C GLY B 40 -0.74 -10.96 9.56
N ARG B 41 -1.58 -10.81 10.59
CA ARG B 41 -2.13 -11.92 11.35
C ARG B 41 -3.65 -11.91 11.23
N CYS B 42 -4.22 -12.99 10.69
CA CYS B 42 -5.66 -13.05 10.44
C CYS B 42 -6.08 -14.51 10.33
N THR B 43 -7.16 -14.89 11.01
CA THR B 43 -7.67 -16.26 10.87
C THR B 43 -8.43 -16.40 9.55
N LEU B 44 -8.65 -17.65 9.14
CA LEU B 44 -9.38 -17.88 7.89
C LEU B 44 -10.82 -17.40 7.98
N GLU B 45 -11.39 -17.33 9.19
CA GLU B 45 -12.72 -16.78 9.37
C GLU B 45 -12.73 -15.25 9.42
N GLY B 46 -11.59 -14.60 9.14
CA GLY B 46 -11.54 -13.16 9.01
C GLY B 46 -11.45 -12.39 10.30
N GLU B 47 -10.82 -12.95 11.34
CA GLU B 47 -10.60 -12.23 12.58
C GLU B 47 -9.14 -11.84 12.70
N LEU B 48 -8.89 -10.54 12.85
CA LEU B 48 -7.54 -10.01 12.91
C LEU B 48 -6.91 -10.27 14.28
N LEU B 49 -5.59 -10.52 14.26
CA LEU B 49 -4.83 -10.69 15.49
C LEU B 49 -3.76 -9.61 15.60
N GLY B 50 -3.32 -9.35 16.83
CA GLY B 50 -2.17 -8.46 17.02
C GLY B 50 -2.51 -7.02 16.65
N THR B 51 -1.54 -6.34 16.03
CA THR B 51 -1.73 -4.97 15.58
C THR B 51 -2.15 -4.90 14.12
N THR B 52 -2.52 -6.02 13.50
CA THR B 52 -2.87 -6.07 12.09
C THR B 52 -3.99 -5.09 11.76
N PRO B 53 -3.75 -4.13 10.86
CA PRO B 53 -4.79 -3.16 10.56
C PRO B 53 -5.86 -3.71 9.63
N ARG B 54 -7.09 -3.28 9.86
CA ARG B 54 -8.20 -3.66 9.01
C ARG B 54 -8.08 -3.04 7.63
N ASN B 55 -7.62 -1.80 7.56
CA ASN B 55 -7.34 -1.10 6.32
C ASN B 55 -5.91 -1.43 5.92
N ALA B 56 -5.75 -2.05 4.74
CA ALA B 56 -4.43 -2.43 4.26
C ALA B 56 -3.44 -1.27 4.28
N SER B 57 -3.90 -0.06 3.96
N SER B 57 -3.91 -0.05 4.03
CA SER B 57 -3.00 1.07 3.78
CA SER B 57 -3.05 1.12 3.96
C SER B 57 -2.67 1.81 5.08
C SER B 57 -2.84 1.80 5.31
N TRP B 58 -3.13 1.32 6.23
N TRP B 58 -3.28 1.20 6.40
CA TRP B 58 -2.67 1.87 7.50
CA TRP B 58 -2.82 1.68 7.71
C TRP B 58 -1.39 1.20 8.00
C TRP B 58 -1.43 1.15 8.06
N LEU B 59 -0.93 0.13 7.34
CA LEU B 59 0.37 -0.44 7.65
C LEU B 59 1.46 0.61 7.48
N ASN B 60 2.29 0.78 8.52
CA ASN B 60 3.39 1.74 8.53
C ASN B 60 2.92 3.19 8.49
N ARG B 61 1.64 3.45 8.75
CA ARG B 61 1.16 4.81 8.89
C ARG B 61 0.90 5.10 10.37
N PHE B 62 0.93 6.38 10.72
CA PHE B 62 0.67 6.76 12.11
C PHE B 62 -0.01 8.12 12.12
N ARG B 63 -0.69 8.40 13.22
CA ARG B 63 -1.25 9.72 13.41
C ARG B 63 -1.29 10.05 14.89
N GLY B 64 -1.25 11.33 15.19
CA GLY B 64 -1.20 11.76 16.56
C GLY B 64 -1.30 13.26 16.64
N VAL B 65 -0.92 13.79 17.79
CA VAL B 65 -0.95 15.22 18.04
C VAL B 65 0.35 15.63 18.73
N SER B 66 0.91 16.76 18.30
CA SER B 66 2.14 17.23 18.93
C SER B 66 1.89 17.62 20.37
N THR B 67 2.77 17.18 21.27
CA THR B 67 2.68 17.52 22.69
C THR B 67 3.39 18.82 23.02
N ALA B 68 4.30 19.25 22.16
CA ALA B 68 5.02 20.50 22.32
C ALA B 68 5.39 21.01 20.94
N ALA B 69 5.68 22.30 20.86
CA ALA B 69 6.22 22.84 19.62
C ALA B 69 7.57 22.20 19.32
N VAL B 70 7.87 22.07 18.04
CA VAL B 70 9.14 21.50 17.63
C VAL B 70 10.29 22.36 18.15
N ALA B 71 11.32 21.71 18.65
CA ALA B 71 12.50 22.40 19.14
C ALA B 71 13.69 21.45 19.06
N ASN B 72 14.83 21.98 18.60
CA ASN B 72 16.07 21.20 18.50
C ASN B 72 15.86 19.91 17.72
N GLN B 73 15.11 20.01 16.62
CA GLN B 73 14.84 18.89 15.72
C GLN B 73 14.16 17.72 16.44
N VAL B 74 13.36 18.02 17.46
CA VAL B 74 12.60 17.00 18.17
C VAL B 74 11.12 17.31 18.04
N LEU B 75 10.34 16.30 17.67
CA LEU B 75 8.88 16.36 17.62
C LEU B 75 8.33 15.22 18.45
N HIS B 76 7.62 15.53 19.55
N HIS B 76 7.60 15.57 19.53
CA HIS B 76 6.98 14.49 20.33
CA HIS B 76 6.91 14.61 20.38
C HIS B 76 5.49 14.44 20.00
C HIS B 76 5.47 14.48 19.91
N LEU B 77 5.02 13.25 19.64
CA LEU B 77 3.64 13.00 19.25
C LEU B 77 2.97 12.12 20.29
N THR B 78 1.82 12.56 20.78
CA THR B 78 0.90 11.66 21.46
C THR B 78 0.10 10.91 20.40
N LEU B 79 0.06 9.58 20.51
CA LEU B 79 -0.45 8.79 19.40
C LEU B 79 -1.96 8.60 19.45
N TYR B 80 -2.57 8.57 18.26
CA TYR B 80 -3.94 8.16 18.04
C TYR B 80 -3.97 6.80 17.33
N GLU B 81 -5.12 6.14 17.34
N GLU B 81 -5.13 6.16 17.34
CA GLU B 81 -5.32 4.99 16.47
CA GLU B 81 -5.40 5.00 16.50
C GLU B 81 -5.69 5.49 15.08
C GLU B 81 -5.73 5.49 15.09
N PRO B 82 -5.63 4.61 14.08
CA PRO B 82 -6.03 5.00 12.72
C PRO B 82 -7.37 5.74 12.61
N ASP B 83 -8.37 5.38 13.41
CA ASP B 83 -9.67 6.02 13.30
C ASP B 83 -9.72 7.38 13.97
N GLY B 84 -8.57 7.93 14.37
CA GLY B 84 -8.52 9.21 15.05
C GLY B 84 -8.88 9.17 16.51
N SER B 85 -9.35 8.03 17.03
CA SER B 85 -9.52 7.89 18.48
C SER B 85 -8.16 7.84 19.16
N VAL B 86 -8.15 8.20 20.43
CA VAL B 86 -6.91 8.26 21.20
C VAL B 86 -6.46 6.84 21.54
N PHE B 87 -5.17 6.60 21.38
CA PHE B 87 -4.57 5.32 21.74
C PHE B 87 -4.33 5.31 23.24
N ASN B 88 -4.98 4.39 23.96
CA ASN B 88 -4.88 4.37 25.41
C ASN B 88 -3.69 3.50 25.81
N PRO B 89 -2.61 4.08 26.34
CA PRO B 89 -1.40 3.29 26.63
C PRO B 89 -1.53 2.43 27.87
N LEU B 90 -2.61 2.57 28.62
CA LEU B 90 -2.86 1.73 29.78
C LEU B 90 -3.62 0.46 29.41
N SER B 91 -3.98 0.28 28.14
CA SER B 91 -4.84 -0.83 27.75
C SER B 91 -4.10 -2.14 27.50
N GLY B 92 -2.77 -2.12 27.37
CA GLY B 92 -2.02 -3.33 27.11
C GLY B 92 -1.70 -3.58 25.64
N ALA B 93 -2.19 -2.74 24.74
CA ALA B 93 -1.82 -2.90 23.34
C ALA B 93 -0.36 -2.49 23.15
N PRO B 94 0.39 -3.20 22.30
CA PRO B 94 1.81 -2.84 22.11
C PRO B 94 2.02 -1.55 21.34
N ALA B 95 1.07 -1.16 20.49
CA ALA B 95 1.22 -0.02 19.60
C ALA B 95 -0.12 0.21 18.91
N PRO B 96 -0.31 1.38 18.29
CA PRO B 96 -1.47 1.54 17.42
C PRO B 96 -1.40 0.56 16.26
N GLU B 97 -2.57 0.23 15.72
CA GLU B 97 -2.61 -0.70 14.59
C GLU B 97 -1.68 -0.24 13.46
N GLY B 98 -0.98 -1.19 12.85
CA GLY B 98 -0.11 -0.89 11.73
C GLY B 98 1.31 -0.50 12.07
N PHE B 99 1.64 -0.28 13.34
CA PHE B 99 3.01 0.07 13.69
C PHE B 99 3.97 -1.11 13.44
N PRO B 100 5.20 -0.81 13.04
CA PRO B 100 6.20 -1.88 12.85
C PRO B 100 6.32 -2.78 14.07
N ASP B 101 6.47 -4.08 13.78
CA ASP B 101 6.51 -5.14 14.78
C ASP B 101 7.86 -5.83 14.79
N PHE B 102 8.94 -5.07 14.64
CA PHE B 102 10.27 -5.67 14.68
C PHE B 102 11.29 -4.66 15.19
N THR B 103 12.49 -5.15 15.44
CA THR B 103 13.57 -4.37 16.01
C THR B 103 14.43 -3.76 14.90
N ALA B 104 14.75 -2.47 15.04
CA ALA B 104 15.61 -1.77 14.10
C ALA B 104 16.34 -0.67 14.86
N GLN B 105 17.45 -0.19 14.29
CA GLN B 105 18.17 0.90 14.96
C GLN B 105 17.47 2.24 14.81
N GLU B 106 16.85 2.47 13.66
CA GLU B 106 16.10 3.68 13.36
C GLU B 106 14.90 3.30 12.49
N TYR B 107 13.79 4.02 12.68
CA TYR B 107 12.63 3.92 11.81
C TYR B 107 12.48 5.29 11.13
N HIS B 108 12.79 5.35 9.83
CA HIS B 108 12.78 6.62 9.11
C HIS B 108 11.35 6.96 8.70
N LEU B 109 11.02 8.25 8.74
CA LEU B 109 9.63 8.60 8.47
C LEU B 109 9.53 9.96 7.79
N ARG B 110 8.32 10.22 7.30
N ARG B 110 8.32 10.22 7.30
CA ARG B 110 7.87 11.53 6.83
CA ARG B 110 7.86 11.52 6.81
C ARG B 110 6.51 11.79 7.46
C ARG B 110 6.50 11.79 7.44
N ALA B 111 6.21 13.06 7.73
CA ALA B 111 4.91 13.41 8.31
C ALA B 111 4.52 14.82 7.89
N ALA B 112 3.24 15.14 8.07
CA ALA B 112 2.72 16.46 7.76
C ALA B 112 1.42 16.70 8.54
N GLY B 113 1.13 17.97 8.77
CA GLY B 113 -0.11 18.38 9.38
C GLY B 113 -0.95 19.19 8.42
N LYS B 114 -2.06 19.74 8.94
CA LYS B 114 -2.99 20.49 8.10
C LYS B 114 -2.48 21.89 7.77
N VAL B 115 -1.39 22.35 8.39
CA VAL B 115 -0.94 23.72 8.25
C VAL B 115 0.46 23.70 7.65
N ALA B 116 0.86 24.84 7.12
CA ALA B 116 2.14 24.93 6.44
C ALA B 116 3.29 24.78 7.44
N ASN B 117 4.45 24.45 6.88
CA ASN B 117 5.71 24.27 7.61
C ASN B 117 5.64 23.10 8.58
N THR B 118 4.78 22.14 8.32
CA THR B 118 4.75 20.92 9.11
C THR B 118 5.15 19.68 8.33
N THR B 119 5.47 19.80 7.04
CA THR B 119 5.97 18.65 6.29
C THR B 119 7.46 18.49 6.60
N GLY B 120 7.81 17.32 7.12
CA GLY B 120 9.21 17.07 7.43
C GLY B 120 9.54 15.60 7.34
N GLY B 121 10.84 15.33 7.41
CA GLY B 121 11.33 13.98 7.61
C GLY B 121 11.97 13.90 8.97
N GLY B 122 12.05 12.69 9.50
CA GLY B 122 12.70 12.47 10.78
C GLY B 122 12.82 10.99 10.98
N GLU B 123 13.08 10.59 12.22
CA GLU B 123 13.23 9.17 12.51
C GLU B 123 12.90 8.92 13.97
N ILE B 124 12.54 7.67 14.26
CA ILE B 124 12.42 7.21 15.64
C ILE B 124 13.62 6.29 15.91
N LYS B 125 14.50 6.71 16.81
CA LYS B 125 15.61 5.86 17.21
C LYS B 125 15.07 4.68 18.03
N SER B 126 15.79 3.56 18.01
CA SER B 126 15.30 2.36 18.69
C SER B 126 14.94 2.63 20.14
N THR B 127 15.80 3.36 20.86
N THR B 127 15.80 3.36 20.86
CA THR B 127 15.53 3.66 22.27
CA THR B 127 15.52 3.65 22.26
C THR B 127 14.25 4.47 22.45
C THR B 127 14.21 4.42 22.43
N ASP B 128 13.81 5.19 21.41
CA ASP B 128 12.58 5.97 21.46
C ASP B 128 11.39 5.22 20.87
N TYR B 129 11.60 4.02 20.33
CA TYR B 129 10.50 3.27 19.73
C TYR B 129 9.78 2.52 20.85
N THR B 130 9.00 3.28 21.61
CA THR B 130 8.22 2.75 22.73
C THR B 130 6.75 3.17 22.60
N PRO B 131 6.09 2.78 21.50
CA PRO B 131 4.72 3.29 21.24
C PRO B 131 3.69 2.78 22.23
N ALA B 132 3.97 1.68 22.95
CA ALA B 132 3.02 1.21 23.94
C ALA B 132 2.80 2.25 25.03
N LEU B 133 3.74 3.18 25.21
CA LEU B 133 3.62 4.25 26.21
C LEU B 133 2.68 5.36 25.76
N GLY B 134 2.20 5.32 24.51
CA GLY B 134 1.19 6.24 24.05
C GLY B 134 1.72 7.38 23.23
N GLY B 135 3.04 7.46 23.03
CA GLY B 135 3.63 8.51 22.25
C GLY B 135 4.97 8.06 21.69
N VAL B 136 5.50 8.86 20.77
CA VAL B 136 6.85 8.60 20.25
C VAL B 136 7.59 9.92 20.11
N LYS B 137 8.87 9.91 20.48
CA LYS B 137 9.76 11.04 20.29
C LYS B 137 10.45 10.88 18.93
N ILE B 138 10.14 11.78 18.01
CA ILE B 138 10.75 11.79 16.68
C ILE B 138 11.94 12.72 16.72
N THR B 139 13.10 12.23 16.27
CA THR B 139 14.31 13.03 16.26
C THR B 139 14.77 13.22 14.82
N ALA B 140 15.77 14.08 14.65
CA ALA B 140 16.22 14.53 13.33
C ALA B 140 15.07 15.09 12.51
N TRP B 141 14.09 15.69 13.19
CA TRP B 141 12.93 16.29 12.51
C TRP B 141 13.34 17.60 11.87
N ASP B 142 13.07 17.75 10.57
CA ASP B 142 13.68 18.85 9.81
C ASP B 142 12.71 19.94 9.38
N ALA B 143 11.48 19.94 9.88
CA ALA B 143 10.55 21.05 9.62
C ALA B 143 10.52 21.98 10.81
N THR B 144 10.16 23.25 10.57
CA THR B 144 10.15 24.23 11.64
C THR B 144 8.96 24.07 12.56
N GLY B 145 7.83 23.59 12.02
CA GLY B 145 6.69 23.24 12.84
C GLY B 145 6.52 21.74 12.96
N PRO B 146 5.44 21.31 13.61
CA PRO B 146 4.33 22.11 14.13
C PRO B 146 4.57 22.73 15.50
N SER B 147 3.71 23.67 15.87
N SER B 147 3.71 23.69 15.86
CA SER B 147 3.61 24.12 17.25
CA SER B 147 3.61 24.11 17.25
C SER B 147 2.90 23.03 18.05
C SER B 147 2.88 23.02 18.04
N ALA B 148 2.62 23.31 19.32
CA ALA B 148 2.01 22.31 20.20
C ALA B 148 0.53 22.15 19.91
N GLY B 149 0.03 20.93 20.13
CA GLY B 149 -1.39 20.63 20.00
C GLY B 149 -1.87 20.44 18.59
N VAL B 150 -0.97 20.16 17.65
CA VAL B 150 -1.27 20.11 16.22
C VAL B 150 -1.34 18.65 15.78
N GLU B 151 -2.40 18.30 15.05
CA GLU B 151 -2.49 16.93 14.53
C GLU B 151 -1.46 16.71 13.43
N MET B 152 -0.84 15.54 13.45
CA MET B 152 0.13 15.12 12.44
C MET B 152 -0.20 13.72 11.96
N THR B 153 0.05 13.46 10.67
N THR B 153 0.00 13.46 10.67
CA THR B 153 -0.09 12.13 10.08
CA THR B 153 -0.05 12.11 10.13
C THR B 153 1.15 11.81 9.26
C THR B 153 1.23 11.83 9.37
N GLY B 154 1.62 10.57 9.35
CA GLY B 154 2.85 10.24 8.66
C GLY B 154 2.99 8.79 8.26
N GLN B 155 4.16 8.46 7.72
N GLN B 155 4.16 8.48 7.72
CA GLN B 155 4.41 7.15 7.14
CA GLN B 155 4.46 7.15 7.21
C GLN B 155 5.82 6.71 7.49
C GLN B 155 5.92 6.83 7.48
N ILE B 156 5.97 5.44 7.86
N ILE B 156 6.17 5.62 7.95
CA ILE B 156 7.28 4.82 8.03
CA ILE B 156 7.51 5.11 8.14
C ILE B 156 7.74 4.35 6.65
C ILE B 156 7.95 4.50 6.80
N GLU B 157 8.92 4.80 6.23
N GLU B 157 9.06 5.02 6.26
CA GLU B 157 9.37 4.61 4.85
CA GLU B 157 9.45 4.77 4.87
C GLU B 157 10.56 3.69 4.70
C GLU B 157 10.54 3.72 4.72
N SER B 158 11.39 3.57 5.73
CA SER B 158 12.59 2.75 5.64
C SER B 158 13.08 2.58 7.07
N ILE B 159 14.13 1.78 7.23
N ILE B 159 14.08 1.73 7.26
CA ILE B 159 14.69 1.51 8.55
CA ILE B 159 14.67 1.49 8.56
C ILE B 159 16.21 1.52 8.46
C ILE B 159 16.19 1.46 8.48
N GLY B 160 16.83 1.78 9.61
CA GLY B 160 18.23 1.48 9.79
C GLY B 160 18.25 0.06 10.33
N MET B 161 18.89 -0.86 9.64
CA MET B 161 18.69 -2.28 9.93
C MET B 161 20.03 -3.01 9.80
N GLU B 162 20.74 -3.11 10.92
CA GLU B 162 22.07 -3.74 10.91
C GLU B 162 21.98 -5.24 10.63
N ASN B 163 20.94 -5.91 11.12
CA ASN B 163 20.87 -7.37 11.08
C ASN B 163 19.53 -7.82 10.55
N ASN B 164 19.54 -8.62 9.48
CA ASN B 164 18.29 -9.09 8.90
C ASN B 164 17.51 -9.93 9.90
N THR B 165 18.19 -10.63 10.80
CA THR B 165 17.48 -11.47 11.75
C THR B 165 16.57 -10.67 12.67
N ASP B 166 16.81 -9.36 12.80
CA ASP B 166 15.98 -8.56 13.69
C ASP B 166 14.57 -8.36 13.16
N PHE B 167 14.30 -8.70 11.89
CA PHE B 167 12.92 -8.62 11.43
C PHE B 167 12.03 -9.59 12.20
N ASP B 168 12.59 -10.64 12.79
CA ASP B 168 11.83 -11.62 13.55
C ASP B 168 11.99 -11.45 15.06
N VAL B 169 12.49 -10.29 15.52
CA VAL B 169 12.66 -10.00 16.93
C VAL B 169 11.71 -8.86 17.29
N LEU B 170 10.71 -9.14 18.12
CA LEU B 170 9.76 -8.11 18.51
C LEU B 170 10.50 -6.96 19.19
N PRO B 171 10.09 -5.72 18.96
CA PRO B 171 10.71 -4.59 19.66
C PRO B 171 10.22 -4.50 21.10
N ASP B 172 10.95 -3.70 21.89
CA ASP B 172 10.59 -3.46 23.29
C ASP B 172 9.55 -2.34 23.31
N TYR B 173 8.32 -2.70 22.95
CA TYR B 173 7.26 -1.72 22.70
C TYR B 173 7.01 -0.78 23.88
N ASN B 174 7.21 -1.23 25.11
CA ASN B 174 6.94 -0.38 26.28
C ASN B 174 8.21 0.06 26.99
N GLY B 175 9.38 -0.14 26.40
CA GLY B 175 10.64 0.28 26.96
C GLY B 175 11.01 -0.36 28.27
N SER B 176 10.36 -1.47 28.64
CA SER B 176 10.53 -2.08 29.95
C SER B 176 11.40 -3.33 29.92
N ALA B 177 12.17 -3.52 28.84
CA ALA B 177 12.93 -4.75 28.63
C ALA B 177 12.01 -5.97 28.68
N PHE B 178 10.92 -5.92 27.92
CA PHE B 178 10.00 -7.03 27.72
C PHE B 178 9.49 -7.60 29.03
N ASP B 179 8.46 -7.00 29.63
CA ASP B 179 7.99 -7.43 30.94
C ASP B 179 6.78 -8.36 30.89
N GLY B 180 6.18 -8.58 29.72
CA GLY B 180 5.11 -9.55 29.59
C GLY B 180 3.72 -9.05 29.93
N SER B 181 3.53 -7.75 30.13
CA SER B 181 2.21 -7.19 30.35
C SER B 181 1.45 -6.92 29.06
N LEU B 182 2.12 -7.02 27.90
CA LEU B 182 1.50 -6.60 26.66
C LEU B 182 0.66 -7.72 26.05
N ASN B 183 -0.41 -7.32 25.38
CA ASN B 183 -1.32 -8.23 24.69
C ASN B 183 -0.74 -8.53 23.31
N LEU B 184 -0.03 -9.66 23.17
CA LEU B 184 0.65 -10.02 21.92
C LEU B 184 0.04 -11.27 21.31
N ALA B 185 -0.14 -11.23 19.99
CA ALA B 185 -0.53 -12.44 19.26
C ALA B 185 0.55 -13.50 19.41
N PRO B 186 0.17 -14.78 19.39
CA PRO B 186 1.10 -15.84 19.79
C PRO B 186 2.09 -16.16 18.69
N PRO B 187 3.17 -16.88 19.02
CA PRO B 187 4.12 -17.32 18.00
C PRO B 187 3.49 -18.22 16.94
N ILE B 188 4.07 -18.18 15.75
CA ILE B 188 3.61 -18.96 14.61
C ILE B 188 4.44 -20.24 14.56
N VAL B 189 3.81 -21.37 14.85
CA VAL B 189 4.53 -22.65 14.94
C VAL B 189 3.78 -23.72 14.14
N PRO B 190 4.42 -24.39 13.18
CA PRO B 190 3.75 -25.49 12.48
C PRO B 190 3.27 -26.55 13.46
N LEU B 191 2.10 -27.12 13.19
CA LEU B 191 1.54 -28.08 14.13
C LEU B 191 2.17 -29.47 14.01
N LEU B 192 2.88 -29.78 12.88
CA LEU B 192 3.64 -31.02 12.80
C LEU B 192 5.13 -30.75 12.76
N PRO B 193 5.95 -31.59 13.39
CA PRO B 193 7.39 -31.29 13.49
C PRO B 193 8.15 -31.30 12.16
N GLY B 194 7.70 -32.04 11.15
CA GLY B 194 8.38 -32.01 9.87
C GLY B 194 8.01 -30.86 8.98
N GLU B 195 7.11 -30.00 9.42
CA GLU B 195 6.63 -28.89 8.61
C GLU B 195 7.49 -27.66 8.84
N THR B 196 7.54 -26.80 7.81
CA THR B 196 8.30 -25.56 7.83
C THR B 196 7.41 -24.41 7.38
N LEU B 197 7.47 -23.30 8.10
CA LEU B 197 6.69 -22.12 7.75
C LEU B 197 7.04 -21.65 6.34
N LEU B 198 6.01 -21.40 5.51
CA LEU B 198 6.22 -20.83 4.19
C LEU B 198 6.16 -19.31 4.30
N ARG B 199 7.25 -18.65 3.90
CA ARG B 199 7.43 -17.22 4.12
C ARG B 199 7.19 -16.45 2.82
N PHE B 200 6.34 -15.43 2.89
CA PHE B 200 6.11 -14.49 1.80
C PHE B 200 6.99 -13.28 2.05
N GLY B 201 8.01 -13.07 1.21
CA GLY B 201 9.06 -12.10 1.50
C GLY B 201 8.97 -10.86 0.60
N THR B 202 9.44 -9.73 1.13
CA THR B 202 9.58 -8.51 0.34
C THR B 202 10.83 -7.79 0.80
N VAL B 203 11.24 -6.79 0.04
CA VAL B 203 12.48 -6.07 0.29
C VAL B 203 12.11 -4.67 0.78
N PRO B 204 12.33 -4.35 2.05
CA PRO B 204 12.18 -2.97 2.49
C PRO B 204 13.45 -2.21 2.20
N ILE B 205 13.33 -0.90 2.04
CA ILE B 205 14.52 -0.07 1.92
C ILE B 205 15.13 0.07 3.31
N THR B 206 16.42 -0.25 3.44
CA THR B 206 17.10 -0.06 4.71
C THR B 206 18.50 0.51 4.50
N THR B 207 18.96 1.24 5.51
CA THR B 207 20.36 1.62 5.66
C THR B 207 21.08 0.61 6.55
N ARG B 208 22.36 0.88 6.81
CA ARG B 208 23.22 0.00 7.61
C ARG B 208 23.42 -1.35 6.92
N ARG B 209 23.45 -1.33 5.59
CA ARG B 209 23.62 -2.52 4.76
C ARG B 209 25.05 -2.68 4.24
N GLN B 210 26.01 -1.94 4.79
CA GLN B 210 27.34 -1.91 4.21
C GLN B 210 27.99 -3.29 4.22
N SER B 211 27.61 -4.14 5.17
CA SER B 211 28.28 -5.41 5.41
C SER B 211 27.53 -6.60 4.83
N ASP B 212 26.20 -6.57 4.87
CA ASP B 212 25.36 -7.63 4.31
C ASP B 212 24.19 -6.91 3.66
N PRO B 213 24.20 -6.75 2.33
CA PRO B 213 23.25 -5.84 1.68
C PRO B 213 21.87 -6.42 1.43
N ILE B 214 21.62 -7.71 1.68
CA ILE B 214 20.33 -8.31 1.38
C ILE B 214 19.43 -8.13 2.59
N ARG B 215 18.27 -7.49 2.40
CA ARG B 215 17.27 -7.35 3.45
C ARG B 215 15.94 -7.92 2.96
N ILE B 216 15.39 -8.85 3.74
CA ILE B 216 14.14 -9.52 3.40
C ILE B 216 13.30 -9.59 4.66
N ILE B 217 12.07 -9.06 4.60
CA ILE B 217 11.11 -9.18 5.69
C ILE B 217 9.99 -10.10 5.21
N SER B 218 9.59 -11.04 6.05
CA SER B 218 8.61 -12.05 5.69
C SER B 218 7.28 -11.81 6.39
N CYS B 219 6.21 -12.41 5.84
CA CYS B 219 4.91 -12.33 6.48
C CYS B 219 4.17 -13.64 6.26
N ALA B 220 3.13 -13.87 7.06
CA ALA B 220 2.46 -15.18 7.05
C ALA B 220 1.40 -15.26 5.95
N LEU B 221 0.81 -14.14 5.59
CA LEU B 221 -0.25 -14.05 4.61
C LEU B 221 -0.03 -12.83 3.74
N PRO B 222 -0.20 -12.93 2.42
CA PRO B 222 -0.25 -11.71 1.60
C PRO B 222 -1.39 -10.84 2.10
N GLN B 223 -1.20 -9.52 1.98
CA GLN B 223 -2.26 -8.60 2.37
C GLN B 223 -3.55 -8.92 1.64
N GLU B 224 -3.46 -9.30 0.36
CA GLU B 224 -4.67 -9.55 -0.40
C GLU B 224 -5.44 -10.74 0.14
N TRP B 225 -4.76 -11.71 0.77
CA TRP B 225 -5.48 -12.81 1.38
C TRP B 225 -6.18 -12.36 2.66
N ILE B 226 -5.54 -11.49 3.45
CA ILE B 226 -6.19 -10.96 4.64
C ILE B 226 -7.48 -10.25 4.26
N THR B 227 -7.40 -9.37 3.25
CA THR B 227 -8.61 -8.67 2.80
C THR B 227 -9.64 -9.66 2.26
N TRP B 228 -9.19 -10.70 1.56
CA TRP B 228 -10.11 -11.75 1.12
C TRP B 228 -10.84 -12.36 2.30
N PHE B 229 -10.14 -12.64 3.40
CA PHE B 229 -10.83 -13.28 4.51
C PHE B 229 -11.79 -12.30 5.19
N LEU B 230 -11.48 -11.00 5.16
CA LEU B 230 -12.37 -10.02 5.76
C LEU B 230 -13.63 -9.77 4.94
N THR B 231 -13.59 -10.05 3.64
CA THR B 231 -14.68 -9.76 2.71
C THR B 231 -15.46 -11.00 2.31
N HIS B 232 -15.18 -12.14 2.93
CA HIS B 232 -15.95 -13.35 2.74
C HIS B 232 -16.39 -13.87 4.10
N ASN B 233 -17.49 -14.61 4.12
CA ASN B 233 -17.98 -15.24 5.34
C ASN B 233 -17.61 -16.71 5.28
N PHE B 234 -16.34 -17.00 5.54
CA PHE B 234 -15.84 -18.35 5.46
C PHE B 234 -16.06 -19.09 6.77
N THR B 235 -16.34 -20.38 6.66
CA THR B 235 -16.35 -21.29 7.80
C THR B 235 -15.31 -22.37 7.55
N ALA B 236 -14.30 -22.43 8.40
CA ALA B 236 -13.26 -23.46 8.28
C ALA B 236 -13.88 -24.81 8.63
N LEU B 237 -14.08 -25.65 7.62
CA LEU B 237 -14.62 -26.98 7.83
C LEU B 237 -13.55 -27.98 8.22
N GLY B 238 -12.34 -27.51 8.51
CA GLY B 238 -11.25 -28.37 8.92
C GLY B 238 -10.18 -27.55 9.59
N ASP B 239 -9.22 -28.26 10.18
CA ASP B 239 -8.09 -27.60 10.84
C ASP B 239 -7.27 -26.79 9.86
N ALA B 240 -7.24 -27.18 8.59
CA ALA B 240 -6.32 -26.56 7.66
C ALA B 240 -6.85 -26.75 6.24
N ALA B 241 -6.57 -25.76 5.41
CA ALA B 241 -6.93 -25.82 3.99
C ALA B 241 -5.73 -26.38 3.21
N LEU B 242 -5.94 -27.52 2.56
CA LEU B 242 -4.95 -28.04 1.63
C LEU B 242 -4.94 -27.19 0.37
N LEU B 243 -3.78 -26.66 0.01
CA LEU B 243 -3.64 -25.85 -1.19
C LEU B 243 -2.64 -26.50 -2.12
N ARG B 244 -2.80 -26.24 -3.41
CA ARG B 244 -1.76 -26.55 -4.39
C ARG B 244 -1.24 -25.24 -4.97
N TYR B 245 0.08 -25.17 -5.13
CA TYR B 245 0.73 -24.00 -5.70
C TYR B 245 1.09 -24.39 -7.13
N ARG B 246 0.47 -23.71 -8.09
CA ARG B 246 0.54 -24.14 -9.48
C ARG B 246 0.97 -22.98 -10.35
N ASN B 247 1.87 -23.25 -11.29
CA ASN B 247 2.09 -22.30 -12.40
C ASN B 247 0.94 -22.47 -13.38
N GLN B 248 0.05 -21.47 -13.45
CA GLN B 248 -1.14 -21.62 -14.29
C GLN B 248 -0.82 -21.56 -15.77
N ALA B 249 0.27 -20.87 -16.15
CA ALA B 249 0.65 -20.80 -17.55
C ALA B 249 1.09 -22.15 -18.08
N THR B 250 2.04 -22.79 -17.39
CA THR B 250 2.57 -24.08 -17.80
C THR B 250 1.75 -25.25 -17.25
N GLY B 251 0.88 -25.00 -16.28
CA GLY B 251 0.15 -26.06 -15.61
C GLY B 251 0.96 -26.83 -14.59
N GLN B 252 2.21 -26.45 -14.36
CA GLN B 252 3.08 -27.25 -13.49
C GLN B 252 2.67 -27.08 -12.04
N LEU B 253 2.30 -28.18 -11.39
CA LEU B 253 2.11 -28.16 -9.95
C LEU B 253 3.46 -28.17 -9.27
N LEU B 254 3.69 -27.19 -8.39
CA LEU B 254 4.99 -27.04 -7.76
C LEU B 254 5.07 -27.70 -6.39
N PHE B 255 4.03 -27.57 -5.56
CA PHE B 255 3.98 -28.27 -4.28
C PHE B 255 2.56 -28.17 -3.74
N GLU B 256 2.28 -28.99 -2.71
CA GLU B 256 1.08 -28.79 -1.91
C GLU B 256 1.49 -28.29 -0.53
N CYS B 257 0.57 -27.57 0.12
CA CYS B 257 0.86 -26.96 1.40
C CYS B 257 -0.42 -26.92 2.23
N LYS B 258 -0.26 -26.62 3.52
CA LYS B 258 -1.40 -26.49 4.44
C LYS B 258 -1.50 -25.06 4.93
N LEU B 259 -2.69 -24.46 4.76
CA LEU B 259 -3.01 -23.14 5.31
C LEU B 259 -3.80 -23.38 6.59
N TYR B 260 -3.12 -23.23 7.74
CA TYR B 260 -3.77 -23.47 9.02
C TYR B 260 -4.82 -22.40 9.31
N ARG B 261 -5.86 -22.80 10.05
N ARG B 261 -5.88 -22.80 10.03
CA ARG B 261 -6.99 -21.91 10.33
CA ARG B 261 -6.98 -21.90 10.35
C ARG B 261 -6.56 -20.62 11.03
C ARG B 261 -6.50 -20.60 10.96
N SER B 262 -5.48 -20.66 11.82
CA SER B 262 -5.02 -19.47 12.52
C SER B 262 -4.25 -18.51 11.62
N GLY B 263 -4.02 -18.87 10.35
CA GLY B 263 -3.52 -17.90 9.38
C GLY B 263 -2.05 -17.96 9.01
N PHE B 264 -1.54 -19.15 8.68
CA PHE B 264 -0.19 -19.25 8.12
C PHE B 264 -0.11 -20.55 7.32
N VAL B 265 0.89 -20.62 6.44
CA VAL B 265 1.06 -21.72 5.48
C VAL B 265 2.33 -22.48 5.82
N VAL B 266 2.29 -23.81 5.66
CA VAL B 266 3.46 -24.66 5.89
C VAL B 266 3.65 -25.61 4.71
N VAL B 267 4.90 -26.01 4.50
CA VAL B 267 5.25 -27.08 3.56
C VAL B 267 5.99 -28.16 4.34
N ASN B 268 6.15 -29.32 3.71
CA ASN B 268 6.71 -30.49 4.34
C ASN B 268 7.97 -30.94 3.60
N GLY B 269 8.91 -31.55 4.33
CA GLY B 269 10.07 -32.14 3.69
C GLY B 269 11.13 -31.17 3.23
N VAL B 270 11.23 -30.00 3.87
CA VAL B 270 12.23 -28.99 3.53
C VAL B 270 13.41 -29.17 4.48
N ASN B 271 14.58 -29.50 3.94
CA ASN B 271 15.76 -29.72 4.77
C ASN B 271 16.81 -28.63 4.67
N VAL B 272 16.76 -27.80 3.63
CA VAL B 272 17.60 -26.62 3.48
C VAL B 272 16.70 -25.48 3.05
N ARG B 273 17.15 -24.24 3.26
CA ARG B 273 16.40 -23.09 2.81
C ARG B 273 16.11 -23.23 1.32
N THR B 274 14.85 -23.11 0.96
CA THR B 274 14.39 -23.42 -0.38
C THR B 274 13.50 -22.31 -0.88
N GLU B 275 13.82 -21.77 -2.06
CA GLU B 275 13.03 -20.74 -2.70
C GLU B 275 12.13 -21.36 -3.77
N PHE B 276 11.04 -20.67 -4.06
CA PHE B 276 10.06 -21.15 -5.02
C PHE B 276 9.74 -20.07 -6.04
N PRO B 277 9.31 -20.47 -7.24
CA PRO B 277 8.93 -19.49 -8.26
C PRO B 277 7.79 -18.60 -7.78
N MET B 278 7.79 -17.36 -8.27
CA MET B 278 6.84 -16.32 -7.85
C MET B 278 5.62 -16.21 -8.76
N SER B 279 5.60 -16.90 -9.90
CA SER B 279 4.52 -16.76 -10.86
C SER B 279 3.40 -17.76 -10.64
N GLY B 280 3.38 -18.47 -9.51
CA GLY B 280 2.35 -19.44 -9.26
C GLY B 280 1.15 -18.84 -8.55
N VAL B 281 0.05 -19.61 -8.54
CA VAL B 281 -1.17 -19.26 -7.82
C VAL B 281 -1.47 -20.37 -6.83
N PHE B 282 -1.83 -19.99 -5.59
CA PHE B 282 -2.30 -20.95 -4.60
C PHE B 282 -3.77 -21.24 -4.83
N GLU B 283 -4.11 -22.52 -5.02
CA GLU B 283 -5.48 -22.96 -5.30
C GLU B 283 -5.95 -23.86 -4.17
N PHE B 284 -7.15 -23.59 -3.66
CA PHE B 284 -7.74 -24.44 -2.63
C PHE B 284 -8.11 -25.81 -3.18
N VAL B 285 -7.79 -26.85 -2.42
CA VAL B 285 -8.11 -28.22 -2.78
C VAL B 285 -9.22 -28.77 -1.91
N SER B 286 -9.00 -28.82 -0.60
CA SER B 286 -9.95 -29.44 0.32
C SER B 286 -9.54 -29.08 1.74
N TRP B 287 -10.40 -29.42 2.69
CA TRP B 287 -10.08 -29.26 4.11
C TRP B 287 -9.44 -30.54 4.63
N VAL B 288 -8.42 -30.38 5.47
CA VAL B 288 -7.74 -31.53 6.05
C VAL B 288 -7.54 -31.31 7.54
N PRO B 289 -7.38 -32.39 8.31
CA PRO B 289 -7.05 -32.25 9.74
C PRO B 289 -5.61 -31.84 9.95
N ASN B 290 -5.32 -31.45 11.19
CA ASN B 290 -3.97 -31.02 11.56
C ASN B 290 -2.93 -32.12 11.34
N PHE B 291 -3.30 -33.37 11.53
CA PHE B 291 -2.32 -34.44 11.39
C PHE B 291 -2.05 -34.83 9.95
N PHE B 292 -2.78 -34.26 8.99
CA PHE B 292 -2.58 -34.61 7.59
C PHE B 292 -1.15 -34.30 7.16
N GLN B 293 -0.47 -35.29 6.59
CA GLN B 293 0.92 -35.13 6.19
C GLN B 293 1.00 -34.85 4.69
N LEU B 294 1.58 -33.70 4.36
CA LEU B 294 1.75 -33.24 2.99
C LEU B 294 2.78 -34.06 2.25
N ALA B 295 2.61 -34.14 0.93
CA ALA B 295 3.69 -34.63 0.08
C ALA B 295 4.89 -33.71 0.23
N PRO B 296 6.10 -34.25 0.37
CA PRO B 296 7.28 -33.37 0.48
C PRO B 296 7.46 -32.52 -0.76
N VAL B 297 8.05 -31.35 -0.57
CA VAL B 297 8.26 -30.45 -1.70
C VAL B 297 9.19 -31.13 -2.72
#